data_6VHJ
#
_entry.id   6VHJ
#
_entity_poly.entity_id   1
_entity_poly.type   'polypeptide(L)'
_entity_poly.pdbx_seq_one_letter_code
;FFCVQG(DBB)ANRF(DBB)INVC
;
_entity_poly.pdbx_strand_id   A
#
# COMPACT_ATOMS: atom_id res chain seq x y z
N PHE A 1 -6.16 0.79 -4.68
CA PHE A 1 -5.25 1.78 -5.31
C PHE A 1 -4.47 2.53 -4.23
N PHE A 2 -4.06 1.79 -3.20
CA PHE A 2 -3.32 2.40 -2.11
C PHE A 2 -1.84 1.99 -2.18
N CYS A 3 -0.97 2.98 -2.32
CA CYS A 3 0.46 2.71 -2.40
C CYS A 3 1.26 3.73 -1.58
N VAL A 4 1.71 3.31 -0.41
CA VAL A 4 2.48 4.19 0.46
C VAL A 4 3.84 4.49 -0.17
N GLN A 5 4.49 3.47 -0.72
CA GLN A 5 5.79 3.66 -1.35
C GLN A 5 5.95 2.73 -2.55
N GLY A 6 5.94 3.30 -3.75
CA GLY A 6 6.08 2.51 -4.96
C GLY A 6 5.29 1.21 -4.86
N ALA A 8 4.68 -0.44 -1.68
CA ALA A 8 5.33 -1.28 -0.68
C ALA A 8 4.31 -1.81 0.32
N ASN A 9 3.43 -0.93 0.79
CA ASN A 9 2.41 -1.32 1.75
C ASN A 9 2.94 -2.37 2.72
N ARG A 10 2.73 -3.64 2.38
CA ARG A 10 3.18 -4.74 3.22
C ARG A 10 2.26 -4.93 4.43
N PHE A 11 1.29 -4.04 4.57
CA PHE A 11 0.34 -4.12 5.68
C PHE A 11 -1.08 -3.97 5.17
N ILE A 13 -1.55 -3.37 1.53
CA ILE A 13 -1.46 -3.95 0.18
C ILE A 13 -2.77 -3.77 -0.58
N ASN A 14 -3.57 -2.79 -0.16
CA ASN A 14 -4.84 -2.53 -0.83
C ASN A 14 -5.43 -1.20 -0.35
N VAL A 15 -5.59 -1.07 0.96
CA VAL A 15 -6.13 0.14 1.54
C VAL A 15 -6.17 0.04 3.06
N CYS A 16 -5.10 0.50 3.70
CA CYS A 16 -5.02 0.44 5.16
C CYS A 16 -4.01 1.46 5.68
N PHE A 1 -6.87 3.03 -4.75
CA PHE A 1 -5.49 2.44 -4.73
C PHE A 1 -4.67 3.10 -3.63
N PHE A 2 -4.09 2.28 -2.76
CA PHE A 2 -3.27 2.80 -1.67
C PHE A 2 -1.84 2.29 -1.78
N CYS A 3 -1.01 3.01 -2.53
CA CYS A 3 0.38 2.61 -2.70
C CYS A 3 1.30 3.54 -1.91
N VAL A 4 2.23 2.94 -1.18
CA VAL A 4 3.18 3.71 -0.39
C VAL A 4 4.60 3.41 -0.82
N GLN A 5 5.39 4.45 -1.06
CA GLN A 5 6.77 4.28 -1.48
C GLN A 5 6.90 3.11 -2.45
N GLY A 6 6.37 3.27 -3.65
CA GLY A 6 6.43 2.22 -4.66
C GLY A 6 5.66 0.99 -4.23
N ALA A 8 4.50 -0.32 -1.78
CA ALA A 8 5.16 -1.04 -0.70
C ALA A 8 4.30 -1.02 0.56
N ASN A 9 2.98 -1.15 0.37
CA ASN A 9 2.06 -1.15 1.51
C ASN A 9 1.72 -2.57 1.92
N ARG A 10 2.61 -3.19 2.69
CA ARG A 10 2.39 -4.56 3.15
C ARG A 10 1.46 -4.58 4.37
N PHE A 11 1.35 -3.44 5.02
CA PHE A 11 0.50 -3.33 6.21
C PHE A 11 -0.97 -3.17 5.83
N ILE A 13 -1.62 -3.09 1.84
CA ILE A 13 -1.59 -3.58 0.47
C ILE A 13 -2.72 -2.96 -0.37
N ASN A 14 -3.83 -3.66 -0.49
CA ASN A 14 -4.96 -3.15 -1.26
C ASN A 14 -5.50 -1.86 -0.66
N VAL A 15 -5.59 -1.84 0.67
CA VAL A 15 -6.09 -0.66 1.37
C VAL A 15 -6.27 -0.95 2.85
N CYS A 16 -5.32 -0.50 3.66
CA CYS A 16 -5.39 -0.73 5.10
C CYS A 16 -4.01 -0.59 5.73
N PHE A 1 -6.90 1.72 -4.86
CA PHE A 1 -5.47 1.69 -5.26
C PHE A 1 -4.61 2.27 -4.13
N PHE A 2 -4.16 1.39 -3.24
CA PHE A 2 -3.34 1.82 -2.13
C PHE A 2 -1.87 1.44 -2.36
N CYS A 3 -1.02 2.46 -2.46
CA CYS A 3 0.39 2.23 -2.66
C CYS A 3 1.23 3.22 -1.87
N VAL A 4 2.16 2.72 -1.07
CA VAL A 4 3.02 3.58 -0.26
C VAL A 4 4.47 3.43 -0.67
N GLN A 5 5.14 4.55 -0.92
CA GLN A 5 6.55 4.52 -1.32
C GLN A 5 6.76 3.51 -2.44
N GLY A 6 6.27 3.84 -3.64
CA GLY A 6 6.42 2.95 -4.78
C GLY A 6 5.86 1.56 -4.46
N ALA A 8 4.63 -0.09 -1.58
CA ALA A 8 5.35 -0.73 -0.49
C ALA A 8 4.46 -0.90 0.73
N ASN A 9 3.23 -1.35 0.50
CA ASN A 9 2.29 -1.54 1.60
C ASN A 9 2.77 -2.64 2.54
N ARG A 10 2.50 -3.89 2.16
CA ARG A 10 2.91 -5.03 2.99
C ARG A 10 2.01 -5.16 4.21
N PHE A 11 1.29 -4.09 4.53
CA PHE A 11 0.38 -4.10 5.66
C PHE A 11 -1.07 -4.06 5.20
N ILE A 13 -1.85 -3.35 1.66
CA ILE A 13 -1.85 -3.88 0.31
C ILE A 13 -3.22 -3.68 -0.34
N ASN A 14 -4.01 -2.76 0.23
CA ASN A 14 -5.34 -2.49 -0.30
C ASN A 14 -5.74 -1.04 -0.03
N VAL A 15 -5.77 -0.66 1.24
CA VAL A 15 -6.13 0.70 1.62
C VAL A 15 -5.72 0.98 3.07
N CYS A 16 -5.75 -0.06 3.89
CA CYS A 16 -5.38 0.08 5.30
C CYS A 16 -4.44 1.26 5.48
N PHE A 1 -5.11 -0.16 -4.11
CA PHE A 1 -5.44 1.25 -4.44
C PHE A 1 -4.69 2.19 -3.51
N PHE A 2 -4.05 1.62 -2.49
CA PHE A 2 -3.29 2.40 -1.53
C PHE A 2 -1.80 2.07 -1.61
N CYS A 3 -0.99 3.10 -1.82
CA CYS A 3 0.44 2.90 -1.89
C CYS A 3 1.19 3.98 -1.11
N VAL A 4 2.23 3.57 -0.39
CA VAL A 4 3.01 4.52 0.39
C VAL A 4 4.38 4.75 -0.23
N GLN A 5 4.72 3.93 -1.23
CA GLN A 5 6.00 4.05 -1.89
C GLN A 5 6.21 2.91 -2.88
N GLY A 6 5.69 3.08 -4.09
CA GLY A 6 5.83 2.05 -5.11
C GLY A 6 5.01 0.80 -4.76
N ALA A 8 4.42 -0.52 -1.60
CA ALA A 8 5.17 -1.33 -0.65
C ALA A 8 4.43 -1.40 0.70
N ASN A 9 3.11 -1.24 0.64
CA ASN A 9 2.30 -1.31 1.86
C ASN A 9 1.87 -2.73 2.14
N ARG A 10 2.77 -3.52 2.70
CA ARG A 10 2.48 -4.90 3.02
C ARG A 10 1.36 -4.99 4.06
N PHE A 11 1.37 -4.04 4.99
CA PHE A 11 0.37 -4.01 6.05
C PHE A 11 -1.03 -3.88 5.48
N ILE A 13 -1.61 -3.22 1.74
CA ILE A 13 -1.62 -3.85 0.42
C ILE A 13 -2.90 -3.49 -0.33
N ASN A 14 -2.81 -2.50 -1.21
CA ASN A 14 -3.96 -2.06 -1.98
C ASN A 14 -5.09 -1.60 -1.05
N VAL A 15 -4.71 -1.01 0.08
CA VAL A 15 -5.69 -0.53 1.04
C VAL A 15 -5.02 -0.26 2.39
N CYS A 16 -5.75 0.39 3.29
CA CYS A 16 -5.22 0.71 4.61
C CYS A 16 -4.37 1.97 4.57
N PHE A 1 -4.81 2.06 -4.81
CA PHE A 1 -4.52 3.53 -4.81
C PHE A 1 -3.81 3.90 -3.52
N PHE A 2 -4.00 3.08 -2.49
CA PHE A 2 -3.37 3.33 -1.20
C PHE A 2 -1.85 3.33 -1.33
N CYS A 3 -1.33 2.34 -2.05
CA CYS A 3 0.11 2.21 -2.24
C CYS A 3 0.85 3.44 -1.71
N VAL A 4 1.45 3.29 -0.53
CA VAL A 4 2.19 4.39 0.07
C VAL A 4 3.42 4.73 -0.76
N GLN A 5 4.08 3.70 -1.28
CA GLN A 5 5.27 3.90 -2.08
C GLN A 5 5.53 2.70 -2.98
N GLY A 6 5.17 2.84 -4.26
CA GLY A 6 5.38 1.76 -5.22
C GLY A 6 4.79 0.45 -4.70
N ALA A 8 4.24 -0.67 -1.57
CA ALA A 8 5.12 -1.25 -0.55
C ALA A 8 4.42 -1.30 0.80
N ASN A 9 3.10 -1.22 0.79
CA ASN A 9 2.33 -1.27 2.02
C ASN A 9 2.03 -2.70 2.42
N ARG A 10 3.00 -3.34 3.07
CA ARG A 10 2.83 -4.72 3.52
C ARG A 10 1.73 -4.80 4.57
N PHE A 11 1.66 -3.78 5.42
CA PHE A 11 0.66 -3.75 6.47
C PHE A 11 -0.73 -3.81 5.89
N ILE A 13 -1.35 -3.55 2.02
CA ILE A 13 -1.28 -4.27 0.76
C ILE A 13 -2.49 -3.95 -0.11
N ASN A 14 -2.32 -2.98 -1.01
CA ASN A 14 -3.41 -2.57 -1.90
C ASN A 14 -4.18 -1.40 -1.29
N VAL A 15 -4.77 -1.62 -0.13
CA VAL A 15 -5.53 -0.58 0.55
C VAL A 15 -5.62 -0.85 2.04
N CYS A 16 -5.41 0.18 2.84
CA CYS A 16 -5.47 0.04 4.30
C CYS A 16 -5.31 1.40 4.98
N PHE A 1 -6.52 1.31 -4.73
CA PHE A 1 -5.10 1.47 -5.17
C PHE A 1 -4.33 2.25 -4.10
N PHE A 2 -3.87 1.54 -3.09
CA PHE A 2 -3.11 2.17 -2.01
C PHE A 2 -1.64 1.80 -2.10
N CYS A 3 -0.79 2.81 -2.29
CA CYS A 3 0.64 2.56 -2.38
C CYS A 3 1.42 3.60 -1.60
N VAL A 4 1.89 3.23 -0.42
CA VAL A 4 2.67 4.13 0.42
C VAL A 4 3.98 4.50 -0.26
N GLN A 5 4.64 3.49 -0.83
CA GLN A 5 5.92 3.71 -1.50
C GLN A 5 6.02 2.86 -2.77
N GLY A 6 5.88 3.49 -3.93
CA GLY A 6 5.95 2.76 -5.19
C GLY A 6 5.32 1.39 -5.05
N ALA A 8 4.56 -0.48 -1.64
CA ALA A 8 5.31 -1.22 -0.63
C ALA A 8 4.49 -1.39 0.64
N ASN A 9 3.18 -1.13 0.53
CA ASN A 9 2.29 -1.26 1.68
C ASN A 9 2.88 -2.24 2.70
N ARG A 10 2.73 -3.53 2.44
CA ARG A 10 3.25 -4.55 3.33
C ARG A 10 2.61 -4.43 4.71
N PHE A 11 1.30 -4.20 4.72
CA PHE A 11 0.55 -4.07 5.96
C PHE A 11 -0.89 -3.66 5.65
N ILE A 13 -2.20 -3.85 1.86
CA ILE A 13 -2.20 -3.97 0.42
C ILE A 13 -3.59 -3.71 -0.15
N ASN A 14 -3.86 -2.45 -0.49
CA ASN A 14 -5.16 -2.05 -1.03
C ASN A 14 -5.54 -0.67 -0.53
N VAL A 15 -5.73 -0.55 0.77
CA VAL A 15 -6.08 0.74 1.38
C VAL A 15 -6.03 0.65 2.90
N CYS A 16 -5.39 -0.40 3.40
CA CYS A 16 -5.28 -0.58 4.84
C CYS A 16 -3.88 -0.21 5.33
N PHE A 1 -7.05 1.71 -3.93
CA PHE A 1 -5.80 2.21 -4.58
C PHE A 1 -4.93 2.91 -3.53
N PHE A 2 -4.28 2.11 -2.69
CA PHE A 2 -3.41 2.65 -1.65
C PHE A 2 -2.01 2.10 -1.80
N CYS A 3 -1.12 2.89 -2.39
CA CYS A 3 0.26 2.46 -2.57
C CYS A 3 1.20 3.37 -1.81
N VAL A 4 2.13 2.78 -1.07
CA VAL A 4 3.09 3.55 -0.30
C VAL A 4 4.51 3.22 -0.72
N GLN A 5 5.30 4.26 -1.01
CA GLN A 5 6.68 4.06 -1.42
C GLN A 5 6.76 3.02 -2.55
N GLY A 6 6.10 3.31 -3.67
CA GLY A 6 6.12 2.39 -4.80
C GLY A 6 5.45 1.07 -4.44
N ALA A 8 4.58 -0.30 -1.81
CA ALA A 8 5.33 -0.98 -0.76
C ALA A 8 4.49 -1.11 0.51
N ASN A 9 3.18 -1.24 0.34
CA ASN A 9 2.28 -1.37 1.47
C ASN A 9 2.11 -2.84 1.86
N ARG A 10 2.69 -3.23 2.99
CA ARG A 10 2.60 -4.61 3.44
C ARG A 10 1.61 -4.74 4.59
N PHE A 11 1.16 -3.61 5.10
CA PHE A 11 0.21 -3.60 6.21
C PHE A 11 -1.22 -3.47 5.68
N ILE A 13 -1.43 -3.09 1.89
CA ILE A 13 -1.26 -3.43 0.48
C ILE A 13 -2.29 -2.70 -0.39
N ASN A 14 -3.46 -3.32 -0.59
CA ASN A 14 -4.50 -2.70 -1.41
C ASN A 14 -5.03 -1.41 -0.78
N VAL A 15 -5.43 -1.50 0.48
CA VAL A 15 -5.97 -0.34 1.19
C VAL A 15 -6.17 -0.66 2.66
N CYS A 16 -5.25 -0.24 3.50
CA CYS A 16 -5.35 -0.50 4.93
C CYS A 16 -3.98 -0.40 5.61
N PHE A 1 -5.07 0.07 -4.96
CA PHE A 1 -4.85 1.47 -5.40
C PHE A 1 -4.20 2.27 -4.28
N PHE A 2 -3.74 1.55 -3.25
CA PHE A 2 -3.10 2.21 -2.12
C PHE A 2 -1.60 1.93 -2.10
N CYS A 3 -0.80 2.99 -2.21
CA CYS A 3 0.64 2.83 -2.21
C CYS A 3 1.27 3.87 -1.29
N VAL A 4 2.30 3.45 -0.56
CA VAL A 4 2.99 4.35 0.37
C VAL A 4 4.41 4.63 -0.11
N GLN A 5 4.83 3.95 -1.17
CA GLN A 5 6.18 4.15 -1.69
C GLN A 5 6.49 3.12 -2.77
N GLY A 6 6.00 3.36 -3.99
CA GLY A 6 6.23 2.45 -5.10
C GLY A 6 5.43 1.17 -4.92
N ALA A 8 4.80 -0.35 -1.77
CA ALA A 8 5.51 -1.16 -0.78
C ALA A 8 4.67 -1.34 0.48
N ASN A 9 3.37 -1.04 0.36
CA ASN A 9 2.46 -1.17 1.49
C ASN A 9 1.94 -2.59 1.62
N ARG A 10 2.52 -3.35 2.55
CA ARG A 10 2.11 -4.73 2.77
C ARG A 10 1.10 -4.80 3.91
N PHE A 11 1.14 -3.82 4.80
CA PHE A 11 0.23 -3.80 5.94
C PHE A 11 -1.22 -3.68 5.47
N ILE A 13 -2.04 -3.44 1.87
CA ILE A 13 -1.87 -3.51 0.41
C ILE A 13 -2.98 -2.73 -0.29
N ASN A 14 -4.19 -3.30 -0.32
CA ASN A 14 -5.31 -2.64 -0.97
C ASN A 14 -5.62 -1.33 -0.27
N VAL A 15 -5.60 -1.34 1.06
CA VAL A 15 -5.87 -0.13 1.84
C VAL A 15 -6.11 -0.49 3.31
N CYS A 16 -5.05 -0.42 4.11
CA CYS A 16 -5.16 -0.73 5.53
C CYS A 16 -3.81 -0.59 6.22
N PHE A 1 -6.48 1.28 -4.86
CA PHE A 1 -5.06 1.46 -5.28
C PHE A 1 -4.32 2.28 -4.22
N PHE A 2 -3.94 1.62 -3.13
CA PHE A 2 -3.24 2.30 -2.05
C PHE A 2 -1.76 1.92 -2.07
N CYS A 3 -0.90 2.90 -2.33
CA CYS A 3 0.54 2.64 -2.35
C CYS A 3 1.30 3.75 -1.63
N VAL A 4 1.72 3.46 -0.41
CA VAL A 4 2.47 4.45 0.37
C VAL A 4 3.82 4.73 -0.28
N GLN A 5 4.49 3.68 -0.73
CA GLN A 5 5.80 3.83 -1.37
C GLN A 5 5.94 2.90 -2.56
N GLY A 6 5.82 3.44 -3.76
CA GLY A 6 5.94 2.62 -4.98
C GLY A 6 5.27 1.27 -4.79
N ALA A 8 4.97 -0.23 -1.51
CA ALA A 8 5.73 -0.92 -0.48
C ALA A 8 4.84 -1.27 0.71
N ASN A 9 3.53 -1.15 0.51
CA ASN A 9 2.57 -1.45 1.57
C ASN A 9 2.29 -2.95 1.63
N ARG A 10 2.84 -3.61 2.64
CA ARG A 10 2.63 -5.05 2.80
C ARG A 10 1.52 -5.33 3.81
N PHE A 11 1.07 -4.27 4.49
CA PHE A 11 0.03 -4.40 5.49
C PHE A 11 -1.35 -4.04 4.92
N ILE A 13 -1.90 -3.36 1.78
CA ILE A 13 -1.77 -3.52 0.34
C ILE A 13 -3.01 -3.00 -0.37
N ASN A 14 -4.18 -3.51 0.03
CA ASN A 14 -5.43 -3.08 -0.55
C ASN A 14 -5.71 -1.61 -0.24
N VAL A 15 -5.52 -1.22 1.02
CA VAL A 15 -5.77 0.15 1.45
C VAL A 15 -5.74 0.25 2.97
N CYS A 16 -4.54 0.35 3.55
CA CYS A 16 -4.41 0.46 5.00
C CYS A 16 -3.04 0.97 5.39
N PHE A 1 -6.19 0.62 -4.88
CA PHE A 1 -5.04 1.39 -5.44
C PHE A 1 -4.34 2.14 -4.33
N PHE A 2 -3.86 1.39 -3.32
CA PHE A 2 -3.16 2.00 -2.20
C PHE A 2 -1.67 1.72 -2.28
N CYS A 3 -0.87 2.77 -2.40
CA CYS A 3 0.58 2.62 -2.48
C CYS A 3 1.27 3.74 -1.71
N VAL A 4 1.77 3.42 -0.53
CA VAL A 4 2.47 4.41 0.29
C VAL A 4 3.76 4.85 -0.37
N GLN A 5 4.52 3.89 -0.89
CA GLN A 5 5.78 4.20 -1.55
C GLN A 5 6.14 3.10 -2.55
N GLY A 6 6.05 3.42 -3.83
CA GLY A 6 6.38 2.45 -4.88
C GLY A 6 5.63 1.14 -4.65
N ALA A 8 4.86 -0.23 -1.51
CA ALA A 8 5.55 -0.97 -0.44
C ALA A 8 4.62 -1.15 0.75
N ASN A 9 3.33 -1.37 0.47
CA ASN A 9 2.35 -1.55 1.53
C ASN A 9 2.78 -2.66 2.47
N ARG A 10 2.43 -3.90 2.11
CA ARG A 10 2.78 -5.05 2.93
C ARG A 10 1.75 -5.23 4.05
N PHE A 11 1.29 -4.11 4.60
CA PHE A 11 0.29 -4.15 5.67
C PHE A 11 -1.11 -4.01 5.10
N ILE A 13 -1.90 -3.00 1.45
CA ILE A 13 -1.89 -3.60 0.12
C ILE A 13 -3.18 -3.27 -0.63
N ASN A 14 -4.15 -2.72 0.10
CA ASN A 14 -5.43 -2.35 -0.50
C ASN A 14 -6.14 -1.29 0.33
N VAL A 15 -5.34 -0.41 0.95
CA VAL A 15 -5.90 0.65 1.77
C VAL A 15 -6.01 0.20 3.23
N CYS A 16 -4.88 0.20 3.93
CA CYS A 16 -4.84 -0.22 5.33
C CYS A 16 -5.25 0.93 6.24
N PHE A 1 -4.88 1.06 -5.19
CA PHE A 1 -4.23 2.36 -5.51
C PHE A 1 -3.67 2.97 -4.23
N PHE A 2 -3.82 2.26 -3.12
CA PHE A 2 -3.32 2.72 -1.84
C PHE A 2 -1.80 2.87 -1.89
N CYS A 3 -1.14 1.86 -2.43
CA CYS A 3 0.31 1.85 -2.55
C CYS A 3 0.92 3.10 -1.90
N VAL A 4 1.37 2.95 -0.66
CA VAL A 4 1.95 4.07 0.06
C VAL A 4 3.23 4.55 -0.64
N GLN A 5 4.08 3.61 -1.04
CA GLN A 5 5.32 3.95 -1.70
C GLN A 5 5.69 2.91 -2.75
N GLY A 6 5.62 3.30 -4.02
CA GLY A 6 5.94 2.38 -5.11
C GLY A 6 5.41 0.97 -4.81
N ALA A 8 4.99 -0.27 -1.42
CA ALA A 8 5.78 -0.79 -0.31
C ALA A 8 4.89 -0.99 0.92
N ASN A 9 3.59 -1.00 0.70
CA ASN A 9 2.64 -1.19 1.80
C ASN A 9 3.06 -2.34 2.69
N ARG A 10 2.62 -3.55 2.36
CA ARG A 10 2.98 -4.72 3.15
C ARG A 10 2.28 -4.69 4.51
N PHE A 11 0.97 -4.47 4.48
CA PHE A 11 0.19 -4.42 5.72
C PHE A 11 -1.22 -3.89 5.43
N ILE A 13 -1.84 -3.19 1.58
CA ILE A 13 -1.72 -2.95 0.15
C ILE A 13 -3.06 -2.52 -0.44
N ASN A 14 -4.13 -3.16 0.00
CA ASN A 14 -5.47 -2.83 -0.50
C ASN A 14 -5.83 -1.39 -0.15
N VAL A 15 -5.51 -1.00 1.08
CA VAL A 15 -5.82 0.36 1.54
C VAL A 15 -5.68 0.46 3.06
N CYS A 16 -4.92 -0.46 3.64
CA CYS A 16 -4.72 -0.47 5.08
C CYS A 16 -3.34 0.07 5.45
N PHE A 1 -6.76 1.09 -4.28
CA PHE A 1 -5.42 1.49 -4.79
C PHE A 1 -4.68 2.26 -3.71
N PHE A 2 -4.02 1.53 -2.81
CA PHE A 2 -3.27 2.16 -1.73
C PHE A 2 -1.80 1.74 -1.76
N CYS A 3 -1.00 2.46 -2.54
CA CYS A 3 0.42 2.16 -2.64
C CYS A 3 1.25 3.23 -1.96
N VAL A 4 2.22 2.80 -1.15
CA VAL A 4 3.07 3.75 -0.44
C VAL A 4 4.52 3.56 -0.88
N GLN A 5 5.17 4.66 -1.24
CA GLN A 5 6.56 4.62 -1.66
C GLN A 5 6.83 3.37 -2.51
N GLY A 6 6.22 3.33 -3.69
CA GLY A 6 6.40 2.19 -4.59
C GLY A 6 5.77 0.92 -4.01
N ALA A 8 5.01 -0.16 -1.54
CA ALA A 8 5.78 -0.66 -0.41
C ALA A 8 4.85 -0.95 0.77
N ASN A 9 3.56 -0.69 0.59
CA ASN A 9 2.58 -0.92 1.64
C ASN A 9 2.97 -2.15 2.46
N ARG A 10 2.56 -3.32 2.00
CA ARG A 10 2.88 -4.56 2.70
C ARG A 10 2.36 -4.53 4.13
N PHE A 11 1.08 -4.24 4.29
CA PHE A 11 0.46 -4.19 5.61
C PHE A 11 -0.97 -3.68 5.49
N ILE A 13 -2.18 -3.36 1.90
CA ILE A 13 -2.36 -3.46 0.45
C ILE A 13 -3.78 -3.06 0.07
N ASN A 14 -3.89 -2.28 -1.00
CA ASN A 14 -5.19 -1.81 -1.49
C ASN A 14 -5.75 -0.73 -0.56
N VAL A 15 -5.88 -1.07 0.72
CA VAL A 15 -6.39 -0.12 1.70
C VAL A 15 -6.45 -0.76 3.09
N CYS A 16 -5.75 -0.17 4.05
CA CYS A 16 -5.73 -0.70 5.40
C CYS A 16 -6.64 0.13 6.31
N PHE A 1 -6.20 1.13 -5.54
CA PHE A 1 -4.96 0.54 -4.95
C PHE A 1 -4.38 1.53 -3.94
N PHE A 2 -3.68 0.99 -2.94
CA PHE A 2 -3.07 1.82 -1.92
C PHE A 2 -1.55 1.65 -1.91
N CYS A 3 -0.84 2.76 -2.05
CA CYS A 3 0.62 2.71 -2.04
C CYS A 3 1.19 3.87 -1.23
N VAL A 4 2.22 3.59 -0.44
CA VAL A 4 2.83 4.63 0.39
C VAL A 4 4.24 4.96 -0.12
N GLN A 5 4.69 4.22 -1.13
CA GLN A 5 6.03 4.46 -1.69
C GLN A 5 6.44 3.33 -2.62
N GLY A 6 6.03 3.42 -3.88
CA GLY A 6 6.36 2.39 -4.86
C GLY A 6 5.64 1.10 -4.55
N ALA A 8 5.15 -0.20 -1.51
CA ALA A 8 5.94 -0.90 -0.51
C ALA A 8 5.06 -1.32 0.67
N ASN A 9 3.80 -0.93 0.62
CA ASN A 9 2.86 -1.27 1.70
C ASN A 9 2.25 -2.64 1.46
N ARG A 10 2.70 -3.62 2.25
CA ARG A 10 2.21 -4.99 2.11
C ARG A 10 1.17 -5.28 3.20
N PHE A 11 0.99 -4.32 4.09
CA PHE A 11 0.03 -4.48 5.18
C PHE A 11 -1.37 -4.07 4.75
N ILE A 13 -2.13 -3.35 1.66
CA ILE A 13 -2.07 -3.51 0.22
C ILE A 13 -3.31 -2.91 -0.43
N ASN A 14 -4.48 -3.31 0.04
CA ASN A 14 -5.73 -2.80 -0.50
C ASN A 14 -5.93 -1.34 -0.10
N VAL A 15 -6.12 -1.12 1.20
CA VAL A 15 -6.32 0.24 1.70
C VAL A 15 -6.18 0.25 3.22
N CYS A 16 -4.97 0.53 3.70
CA CYS A 16 -4.72 0.57 5.14
C CYS A 16 -3.46 1.36 5.45
N PHE A 1 -3.39 1.51 -5.89
CA PHE A 1 -4.24 2.61 -5.37
C PHE A 1 -3.63 3.14 -4.07
N PHE A 2 -3.77 2.36 -3.00
CA PHE A 2 -3.23 2.75 -1.70
C PHE A 2 -1.71 2.91 -1.80
N CYS A 3 -1.07 1.92 -2.41
CA CYS A 3 0.39 1.93 -2.56
C CYS A 3 0.97 3.28 -2.16
N VAL A 4 1.38 3.39 -0.90
CA VAL A 4 1.94 4.63 -0.39
C VAL A 4 3.25 4.97 -1.10
N GLN A 5 4.08 3.95 -1.33
CA GLN A 5 5.36 4.17 -1.99
C GLN A 5 5.84 2.91 -2.71
N GLY A 6 5.78 2.94 -4.04
CA GLY A 6 6.21 1.79 -4.83
C GLY A 6 5.66 0.50 -4.25
N ALA A 8 5.00 -0.30 -1.28
CA ALA A 8 5.81 -0.68 -0.13
C ALA A 8 4.92 -0.98 1.08
N ASN A 9 3.63 -0.70 0.93
CA ASN A 9 2.68 -0.94 2.01
C ASN A 9 2.21 -2.39 2.02
N ARG A 10 2.99 -3.25 2.68
CA ARG A 10 2.66 -4.67 2.77
C ARG A 10 1.47 -4.91 3.70
N PHE A 11 1.42 -4.14 4.78
CA PHE A 11 0.35 -4.29 5.76
C PHE A 11 -1.03 -4.17 5.12
N ILE A 13 -1.74 -2.84 1.30
CA ILE A 13 -1.66 -3.30 -0.09
C ILE A 13 -2.96 -2.99 -0.82
N ASN A 14 -4.07 -2.99 -0.09
CA ASN A 14 -5.38 -2.73 -0.68
C ASN A 14 -6.17 -1.74 0.19
N VAL A 15 -5.45 -0.88 0.90
CA VAL A 15 -6.08 0.11 1.78
C VAL A 15 -6.18 -0.43 3.21
N CYS A 16 -5.12 -0.23 3.98
CA CYS A 16 -5.10 -0.71 5.36
C CYS A 16 -5.61 0.39 6.30
N PHE A 1 -5.39 3.70 -5.93
CA PHE A 1 -5.01 2.53 -5.10
C PHE A 1 -4.27 3.01 -3.85
N PHE A 2 -3.75 2.07 -3.08
CA PHE A 2 -3.02 2.41 -1.86
C PHE A 2 -1.54 2.07 -2.01
N CYS A 3 -0.75 3.05 -2.42
CA CYS A 3 0.68 2.84 -2.59
C CYS A 3 1.48 3.88 -1.81
N VAL A 4 2.00 3.47 -0.65
CA VAL A 4 2.79 4.37 0.18
C VAL A 4 4.11 4.70 -0.49
N GLN A 5 4.76 3.68 -1.05
CA GLN A 5 6.04 3.87 -1.72
C GLN A 5 6.25 2.80 -2.78
N GLY A 6 6.27 3.23 -4.03
CA GLY A 6 6.46 2.30 -5.15
C GLY A 6 5.62 1.05 -4.97
N ALA A 8 4.29 -0.64 -1.89
CA ALA A 8 4.89 -1.55 -0.93
C ALA A 8 3.87 -1.93 0.15
N ASN A 9 3.25 -0.92 0.76
CA ASN A 9 2.27 -1.16 1.80
C ASN A 9 2.79 -2.18 2.81
N ARG A 10 2.54 -3.45 2.55
CA ARG A 10 2.97 -4.50 3.45
C ARG A 10 2.14 -4.51 4.72
N PHE A 11 1.36 -3.45 4.91
CA PHE A 11 0.51 -3.34 6.09
C PHE A 11 -0.95 -3.29 5.72
N ILE A 13 -1.57 -3.49 1.78
CA ILE A 13 -1.48 -4.07 0.45
C ILE A 13 -2.82 -3.95 -0.26
N ASN A 14 -3.51 -2.82 -0.06
CA ASN A 14 -4.80 -2.60 -0.69
C ASN A 14 -5.38 -1.25 -0.26
N VAL A 15 -5.93 -1.21 0.94
CA VAL A 15 -6.52 0.03 1.45
C VAL A 15 -6.43 0.06 2.98
N CYS A 16 -5.92 -1.01 3.57
CA CYS A 16 -5.81 -1.09 5.01
C CYS A 16 -4.47 -0.53 5.47
N PHE A 1 -4.61 -0.20 -5.61
CA PHE A 1 -4.64 1.24 -5.99
C PHE A 1 -4.10 2.08 -4.85
N PHE A 2 -3.66 1.40 -3.79
CA PHE A 2 -3.11 2.09 -2.63
C PHE A 2 -1.63 1.78 -2.48
N CYS A 3 -0.79 2.71 -2.89
CA CYS A 3 0.65 2.53 -2.77
C CYS A 3 1.25 3.60 -1.88
N VAL A 4 1.67 3.20 -0.69
CA VAL A 4 2.27 4.12 0.26
C VAL A 4 3.57 4.71 -0.27
N GLN A 5 4.38 3.87 -0.91
CA GLN A 5 5.66 4.34 -1.46
C GLN A 5 6.24 3.34 -2.44
N GLY A 6 5.94 3.52 -3.72
CA GLY A 6 6.44 2.61 -4.75
C GLY A 6 5.82 1.24 -4.61
N ALA A 8 5.02 -0.23 -1.74
CA ALA A 8 5.71 -0.92 -0.65
C ALA A 8 4.79 -1.05 0.55
N ASN A 9 3.51 -1.32 0.29
CA ASN A 9 2.54 -1.46 1.37
C ASN A 9 2.94 -2.59 2.31
N ARG A 10 2.41 -3.79 2.06
CA ARG A 10 2.74 -4.94 2.89
C ARG A 10 2.10 -4.82 4.27
N PHE A 11 0.78 -4.72 4.28
CA PHE A 11 0.02 -4.59 5.54
C PHE A 11 -1.40 -4.17 5.24
N ILE A 13 -2.20 -3.15 1.80
CA ILE A 13 -2.08 -2.99 0.35
C ILE A 13 -3.27 -2.19 -0.18
N ASN A 14 -4.47 -2.72 0.00
CA ASN A 14 -5.68 -2.05 -0.47
C ASN A 14 -5.85 -0.72 0.27
N VAL A 15 -5.57 -0.75 1.57
CA VAL A 15 -5.69 0.43 2.40
C VAL A 15 -5.91 0.03 3.85
N CYS A 16 -4.83 -0.29 4.56
CA CYS A 16 -4.94 -0.70 5.95
C CYS A 16 -3.55 -0.78 6.59
N PHE A 1 -3.85 1.69 -5.17
CA PHE A 1 -4.69 2.74 -4.53
C PHE A 1 -3.93 3.37 -3.37
N PHE A 2 -4.02 2.75 -2.20
CA PHE A 2 -3.32 3.25 -1.02
C PHE A 2 -1.82 3.25 -1.25
N CYS A 3 -1.30 2.15 -1.80
CA CYS A 3 0.13 2.03 -2.05
C CYS A 3 0.86 3.34 -1.75
N VAL A 4 1.43 3.42 -0.55
CA VAL A 4 2.15 4.63 -0.15
C VAL A 4 3.36 4.83 -1.05
N GLN A 5 4.08 3.76 -1.35
CA GLN A 5 5.26 3.84 -2.19
C GLN A 5 5.44 2.55 -2.98
N GLY A 6 5.20 2.61 -4.28
CA GLY A 6 5.34 1.43 -5.13
C GLY A 6 4.84 0.19 -4.42
N ALA A 8 4.55 -0.62 -1.32
CA ALA A 8 5.53 -1.06 -0.34
C ALA A 8 4.86 -1.27 1.02
N ASN A 9 3.60 -0.88 1.12
CA ASN A 9 2.86 -1.02 2.36
C ASN A 9 2.20 -2.39 2.46
N ARG A 10 2.90 -3.33 3.08
CA ARG A 10 2.38 -4.69 3.22
C ARG A 10 1.21 -4.70 4.20
N PHE A 11 1.34 -3.91 5.27
CA PHE A 11 0.29 -3.85 6.28
C PHE A 11 -1.05 -3.58 5.65
N ILE A 13 -1.16 -2.80 1.52
CA ILE A 13 -0.97 -3.19 0.13
C ILE A 13 -1.96 -2.47 -0.77
N ASN A 14 -3.06 -3.14 -1.10
CA ASN A 14 -4.08 -2.55 -1.96
C ASN A 14 -4.69 -1.32 -1.31
N VAL A 15 -5.08 -1.45 -0.04
CA VAL A 15 -5.66 -0.34 0.69
C VAL A 15 -5.84 -0.70 2.17
N CYS A 16 -4.94 -0.19 3.00
CA CYS A 16 -5.00 -0.46 4.43
C CYS A 16 -3.60 -0.41 5.05
N PHE A 1 -6.94 2.24 -4.03
CA PHE A 1 -5.70 2.63 -4.74
C PHE A 1 -4.75 3.33 -3.78
N PHE A 2 -4.42 2.65 -2.69
CA PHE A 2 -3.51 3.21 -1.70
C PHE A 2 -2.17 2.50 -1.73
N CYS A 3 -1.15 3.20 -2.22
CA CYS A 3 0.18 2.62 -2.27
C CYS A 3 1.20 3.48 -1.55
N VAL A 4 1.99 2.87 -0.69
CA VAL A 4 3.02 3.60 0.04
C VAL A 4 4.39 3.34 -0.58
N GLN A 5 4.93 4.35 -1.24
CA GLN A 5 6.23 4.22 -1.89
C GLN A 5 6.15 3.25 -3.07
N GLY A 6 5.16 3.46 -3.92
CA GLY A 6 4.98 2.59 -5.09
C GLY A 6 4.47 1.22 -4.67
N ALA A 8 4.79 -1.47 -1.98
CA ALA A 8 5.58 -1.95 -0.86
C ALA A 8 4.79 -1.84 0.45
N ASN A 9 3.47 -2.00 0.35
CA ASN A 9 2.61 -1.92 1.52
C ASN A 9 2.28 -3.30 2.05
N ARG A 10 2.71 -3.57 3.28
CA ARG A 10 2.44 -4.86 3.91
C ARG A 10 1.39 -4.71 5.00
N PHE A 11 1.09 -3.46 5.36
CA PHE A 11 0.09 -3.20 6.40
C PHE A 11 -1.29 -3.08 5.78
N ILE A 13 -1.25 -3.24 1.91
CA ILE A 13 -1.02 -3.72 0.56
C ILE A 13 -1.90 -2.96 -0.44
N ASN A 14 -3.07 -3.50 -0.71
CA ASN A 14 -3.99 -2.87 -1.66
C ASN A 14 -4.44 -1.51 -1.14
N VAL A 15 -4.73 -1.43 0.16
CA VAL A 15 -5.16 -0.18 0.76
C VAL A 15 -5.73 -0.42 2.15
N CYS A 16 -4.88 -0.30 3.16
CA CYS A 16 -5.32 -0.52 4.53
C CYS A 16 -4.13 -0.51 5.48
N PHE A 1 -4.97 4.22 -5.84
CA PHE A 1 -4.28 3.06 -5.22
C PHE A 1 -3.60 3.51 -3.93
N PHE A 2 -3.74 2.71 -2.88
CA PHE A 2 -3.13 3.04 -1.60
C PHE A 2 -1.63 3.17 -1.73
N CYS A 3 -1.01 2.20 -2.40
CA CYS A 3 0.43 2.20 -2.57
C CYS A 3 1.05 3.51 -2.10
N VAL A 4 1.54 3.52 -0.87
CA VAL A 4 2.15 4.71 -0.30
C VAL A 4 3.42 5.09 -1.06
N GLN A 5 4.22 4.09 -1.37
CA GLN A 5 5.47 4.33 -2.09
C GLN A 5 5.94 3.06 -2.79
N GLY A 6 5.86 3.08 -4.12
CA GLY A 6 6.29 1.93 -4.90
C GLY A 6 5.65 0.64 -4.40
N ALA A 8 4.80 -0.29 -1.31
CA ALA A 8 5.55 -0.82 -0.17
C ALA A 8 4.61 -1.19 0.97
N ASN A 9 3.33 -0.84 0.83
CA ASN A 9 2.34 -1.15 1.85
C ASN A 9 2.05 -2.64 1.88
N ARG A 10 2.84 -3.37 2.66
CA ARG A 10 2.68 -4.81 2.77
C ARG A 10 1.57 -5.15 3.76
N PHE A 11 1.24 -4.18 4.61
CA PHE A 11 0.21 -4.37 5.61
C PHE A 11 -1.18 -4.17 5.01
N ILE A 13 -1.79 -3.63 1.89
CA ILE A 13 -1.61 -3.82 0.47
C ILE A 13 -2.86 -3.37 -0.29
N ASN A 14 -3.99 -3.98 0.05
CA ASN A 14 -5.24 -3.62 -0.60
C ASN A 14 -5.64 -2.19 -0.27
N VAL A 15 -5.56 -1.84 1.02
CA VAL A 15 -5.93 -0.50 1.47
C VAL A 15 -6.04 -0.45 2.99
N CYS A 16 -4.95 -0.07 3.65
CA CYS A 16 -4.95 0.02 5.11
C CYS A 16 -3.82 0.92 5.59
N PHE A 1 -5.26 0.76 -5.89
CA PHE A 1 -4.19 1.75 -6.19
C PHE A 1 -3.74 2.40 -4.88
N PHE A 2 -3.77 1.61 -3.81
CA PHE A 2 -3.36 2.12 -2.50
C PHE A 2 -1.88 2.50 -2.52
N CYS A 3 -1.02 1.48 -2.63
CA CYS A 3 0.41 1.69 -2.65
C CYS A 3 0.78 3.05 -2.05
N VAL A 4 1.24 3.03 -0.81
CA VAL A 4 1.63 4.27 -0.14
C VAL A 4 2.81 4.92 -0.85
N GLN A 5 3.80 4.12 -1.22
CA GLN A 5 4.98 4.64 -1.90
C GLN A 5 5.75 3.52 -2.58
N GLY A 6 5.63 3.46 -3.91
CA GLY A 6 6.32 2.42 -4.68
C GLY A 6 5.87 1.03 -4.25
N ALA A 8 4.91 -0.16 -1.05
CA ALA A 8 5.64 -0.57 0.14
C ALA A 8 4.70 -0.83 1.30
N ASN A 9 3.52 -1.36 1.00
CA ASN A 9 2.53 -1.65 2.02
C ASN A 9 2.84 -2.97 2.72
N ARG A 10 2.46 -4.07 2.08
CA ARG A 10 2.70 -5.39 2.66
C ARG A 10 1.79 -5.63 3.86
N PHE A 11 1.15 -4.58 4.33
CA PHE A 11 0.25 -4.70 5.46
C PHE A 11 -1.18 -4.38 5.06
N ILE A 13 -1.95 -2.67 1.39
CA ILE A 13 -2.00 -2.91 -0.05
C ILE A 13 -3.26 -2.30 -0.64
N ASN A 14 -4.34 -2.29 0.14
CA ASN A 14 -5.61 -1.72 -0.31
C ASN A 14 -5.86 -0.38 0.38
N VAL A 15 -5.57 -0.32 1.67
CA VAL A 15 -5.76 0.91 2.43
C VAL A 15 -5.45 0.68 3.92
N CYS A 16 -4.44 -0.13 4.20
CA CYS A 16 -4.05 -0.42 5.57
C CYS A 16 -2.54 -0.64 5.68
#